data_5T2S
#
_entry.id   5T2S
#
_cell.length_a   64.520
_cell.length_b   87.260
_cell.length_c   66.150
_cell.angle_alpha   90.00
_cell.angle_beta   94.01
_cell.angle_gamma   90.00
#
_symmetry.space_group_name_H-M   'P 1 21 1'
#
loop_
_entity.id
_entity.type
_entity.pdbx_description
1 polymer 'DDK kinase regulatory subunit DBF4,Serine/threonine-protein kinase RAD53'
2 polymer ASP-GLY-GLU-SER-TPO-ASP-GLU-ASP-ASP
3 non-polymer GLYCEROL
4 water water
#
loop_
_entity_poly.entity_id
_entity_poly.type
_entity_poly.pdbx_seq_one_letter_code
_entity_poly.pdbx_strand_id
1 'polypeptide(L)'
;SHMTPKELLEWQTNWKKIMKRDSRIYFDITDDVEMNTYNKSKMDKRRDLLKRGFLTLGAQITQFFDTTVTIVITRRSVEN
IYLLKDTDILSRAKKNYMKVWSYEKAARFLKNLDVDLDHVDGSKFSQEQIGENIVCRVICTTGQIPIRDLSADISQVLKE
KRSIKKVWTFGRNPACDYHLGNISRLSNKHFQILLGEDGNLLLNDISTNGTWLNGQKVEKNSNQLLSQGDEITVGVGVES
DILSLVIFINDKFKQCLEQNKVDR
;
A,C
2 'polypeptide(L)' DGES(TPO)DEDDVVS B,D
#
# COMPACT_ATOMS: atom_id res chain seq x y z
N HIS A 2 1.50 2.91 -1.02
CA HIS A 2 1.80 4.15 -1.72
C HIS A 2 0.56 5.02 -1.79
N MET A 3 -0.60 4.40 -1.59
CA MET A 3 -1.79 5.12 -1.19
C MET A 3 -1.64 5.39 0.29
N THR A 4 -2.16 6.50 0.77
CA THR A 4 -2.15 6.76 2.20
C THR A 4 -3.10 5.78 2.88
N PRO A 5 -2.88 5.50 4.18
CA PRO A 5 -3.81 4.60 4.89
C PRO A 5 -5.26 5.04 4.78
N LYS A 6 -5.47 6.35 4.75
CA LYS A 6 -6.80 6.92 4.67
C LYS A 6 -7.40 6.74 3.29
N GLU A 7 -6.56 6.79 2.27
CA GLU A 7 -7.00 6.62 0.89
C GLU A 7 -7.37 5.17 0.62
N LEU A 8 -6.55 4.25 1.13
CA LEU A 8 -6.80 2.83 0.96
C LEU A 8 -8.08 2.41 1.69
N LEU A 9 -8.31 3.00 2.85
CA LEU A 9 -9.51 2.71 3.62
C LEU A 9 -10.75 3.19 2.86
N GLU A 10 -10.64 4.35 2.23
CA GLU A 10 -11.72 4.90 1.44
C GLU A 10 -11.97 4.01 0.22
N TRP A 11 -10.89 3.52 -0.38
CA TRP A 11 -10.98 2.56 -1.47
C TRP A 11 -11.74 1.33 -1.04
N GLN A 12 -11.49 0.87 0.18
CA GLN A 12 -12.14 -0.32 0.72
C GLN A 12 -13.62 -0.07 0.99
N THR A 13 -13.92 1.08 1.61
CA THR A 13 -15.29 1.44 1.96
C THR A 13 -16.18 1.46 0.72
N ASN A 14 -15.66 2.01 -0.37
CA ASN A 14 -16.42 2.12 -1.60
C ASN A 14 -16.66 0.78 -2.26
N TRP A 15 -15.64 -0.08 -2.26
CA TRP A 15 -15.76 -1.41 -2.85
C TRP A 15 -16.73 -2.26 -2.05
N LYS A 16 -16.69 -2.14 -0.74
CA LYS A 16 -17.58 -2.88 0.14
C LYS A 16 -19.04 -2.58 -0.22
N LYS A 17 -19.32 -1.32 -0.53
CA LYS A 17 -20.67 -0.92 -0.93
C LYS A 17 -21.02 -1.52 -2.28
N ILE A 18 -20.06 -1.48 -3.21
CA ILE A 18 -20.26 -1.99 -4.57
C ILE A 18 -20.53 -3.49 -4.57
N MET A 19 -19.83 -4.21 -3.70
CA MET A 19 -20.04 -5.65 -3.57
C MET A 19 -21.46 -5.94 -3.11
N LYS A 20 -21.95 -5.13 -2.19
CA LYS A 20 -23.24 -5.37 -1.57
C LYS A 20 -24.43 -4.92 -2.43
N ARG A 21 -24.19 -4.02 -3.37
CA ARG A 21 -25.30 -3.40 -4.12
C ARG A 21 -25.22 -3.52 -5.64
N ASP A 22 -24.02 -3.42 -6.22
CA ASP A 22 -23.89 -3.33 -7.67
C ASP A 22 -23.08 -4.45 -8.31
N SER A 23 -22.89 -5.55 -7.58
CA SER A 23 -22.00 -6.60 -8.06
C SER A 23 -22.70 -7.92 -8.37
N ARG A 24 -22.45 -8.40 -9.58
CA ARG A 24 -22.94 -9.69 -10.04
C ARG A 24 -21.80 -10.45 -10.71
N ILE A 25 -21.34 -11.51 -10.06
CA ILE A 25 -20.11 -12.20 -10.46
C ILE A 25 -20.37 -13.56 -11.11
N TYR A 26 -19.65 -13.83 -12.19
CA TYR A 26 -19.72 -15.09 -12.91
C TYR A 26 -18.37 -15.79 -12.91
N PHE A 27 -18.36 -17.07 -12.54
CA PHE A 27 -17.12 -17.85 -12.51
C PHE A 27 -16.96 -18.66 -13.79
N ASP A 28 -15.87 -18.40 -14.51
CA ASP A 28 -15.57 -19.12 -15.75
C ASP A 28 -15.43 -20.62 -15.50
N ILE A 29 -16.14 -21.41 -16.29
CA ILE A 29 -16.14 -22.87 -16.13
C ILE A 29 -15.07 -23.53 -17.00
N THR A 30 -14.60 -22.82 -18.01
CA THR A 30 -13.64 -23.38 -18.96
C THR A 30 -12.21 -23.34 -18.42
N ASP A 31 -11.47 -24.42 -18.67
CA ASP A 31 -10.06 -24.52 -18.30
C ASP A 31 -9.18 -24.60 -19.53
N ASP A 32 -8.05 -23.90 -19.50
CA ASP A 32 -7.17 -23.84 -20.68
C ASP A 32 -6.15 -25.00 -20.70
N VAL A 33 -5.77 -25.48 -19.53
CA VAL A 33 -4.92 -26.68 -19.41
C VAL A 33 -5.83 -27.90 -19.24
N GLU A 34 -5.27 -29.09 -19.45
CA GLU A 34 -5.90 -30.33 -19.05
C GLU A 34 -5.28 -30.84 -17.76
N MET A 35 -6.11 -31.06 -16.73
CA MET A 35 -5.62 -31.43 -15.41
C MET A 35 -6.23 -32.73 -14.91
N ASN A 36 -5.42 -33.51 -14.20
CA ASN A 36 -5.93 -34.70 -13.53
C ASN A 36 -7.05 -34.30 -12.59
N THR A 37 -7.99 -35.20 -12.33
CA THR A 37 -9.17 -34.87 -11.53
C THR A 37 -8.78 -34.37 -10.14
N TYR A 38 -7.54 -34.62 -9.73
CA TYR A 38 -7.02 -34.11 -8.48
C TYR A 38 -6.91 -32.58 -8.47
N ASN A 39 -5.97 -32.06 -9.26
CA ASN A 39 -5.75 -30.61 -9.35
C ASN A 39 -7.03 -29.89 -9.69
N LYS A 40 -7.90 -30.57 -10.44
CA LYS A 40 -9.17 -29.99 -10.86
C LYS A 40 -10.12 -29.83 -9.68
N SER A 41 -10.17 -30.84 -8.81
CA SER A 41 -11.02 -30.79 -7.63
C SER A 41 -10.41 -29.88 -6.56
N LYS A 42 -9.13 -29.59 -6.71
CA LYS A 42 -8.46 -28.65 -5.82
C LYS A 42 -8.82 -27.23 -6.22
N MET A 43 -8.87 -26.97 -7.53
CA MET A 43 -9.25 -25.66 -8.03
C MET A 43 -10.74 -25.44 -7.89
N ASP A 44 -11.51 -26.52 -7.81
CA ASP A 44 -12.96 -26.46 -7.64
C ASP A 44 -13.25 -26.10 -6.19
N LYS A 45 -12.42 -26.61 -5.29
CA LYS A 45 -12.52 -26.28 -3.87
C LYS A 45 -12.17 -24.81 -3.68
N ARG A 46 -11.19 -24.35 -4.45
CA ARG A 46 -10.75 -22.96 -4.40
C ARG A 46 -11.85 -22.05 -4.90
N ARG A 47 -12.55 -22.49 -5.95
CA ARG A 47 -13.66 -21.74 -6.52
C ARG A 47 -14.77 -21.56 -5.48
N ASP A 48 -15.10 -22.64 -4.78
CA ASP A 48 -16.17 -22.61 -3.80
C ASP A 48 -15.84 -21.66 -2.66
N LEU A 49 -14.57 -21.62 -2.26
CA LEU A 49 -14.10 -20.67 -1.26
C LEU A 49 -14.35 -19.24 -1.73
N LEU A 50 -13.91 -18.93 -2.94
CA LEU A 50 -14.07 -17.60 -3.50
C LEU A 50 -15.55 -17.21 -3.56
N LYS A 51 -16.40 -18.14 -3.98
CA LYS A 51 -17.84 -17.90 -4.01
C LYS A 51 -18.37 -17.51 -2.64
N ARG A 52 -18.05 -18.31 -1.64
CA ARG A 52 -18.50 -18.04 -0.27
C ARG A 52 -18.01 -16.68 0.21
N GLY A 53 -16.77 -16.36 -0.15
CA GLY A 53 -16.18 -15.09 0.22
C GLY A 53 -16.96 -13.91 -0.33
N PHE A 54 -17.27 -13.95 -1.63
CA PHE A 54 -18.00 -12.87 -2.27
C PHE A 54 -19.46 -12.80 -1.81
N LEU A 55 -20.02 -13.95 -1.47
CA LEU A 55 -21.39 -13.98 -0.94
C LEU A 55 -21.45 -13.26 0.40
N THR A 56 -20.41 -13.43 1.21
CA THR A 56 -20.31 -12.76 2.51
C THR A 56 -20.36 -11.25 2.33
N LEU A 57 -19.79 -10.78 1.22
CA LEU A 57 -19.74 -9.35 0.93
C LEU A 57 -21.04 -8.86 0.31
N GLY A 58 -21.98 -9.77 0.08
CA GLY A 58 -23.30 -9.43 -0.38
C GLY A 58 -23.41 -9.28 -1.89
N ALA A 59 -22.50 -9.92 -2.61
CA ALA A 59 -22.52 -9.88 -4.07
C ALA A 59 -23.35 -11.03 -4.64
N GLN A 60 -24.00 -10.76 -5.77
CA GLN A 60 -24.74 -11.79 -6.49
C GLN A 60 -23.79 -12.72 -7.21
N ILE A 61 -24.11 -14.01 -7.23
CA ILE A 61 -23.36 -14.98 -8.01
C ILE A 61 -24.28 -15.56 -9.09
N THR A 62 -24.06 -15.14 -10.33
CA THR A 62 -24.82 -15.65 -11.45
C THR A 62 -24.14 -16.89 -12.03
N GLN A 63 -24.95 -17.84 -12.46
CA GLN A 63 -24.43 -19.10 -13.02
C GLN A 63 -24.29 -19.01 -14.53
N PHE A 64 -24.74 -17.90 -15.12
CA PHE A 64 -24.69 -17.71 -16.56
C PHE A 64 -23.94 -16.44 -16.90
N PHE A 65 -23.18 -16.48 -18.00
CA PHE A 65 -22.54 -15.27 -18.49
C PHE A 65 -23.57 -14.39 -19.15
N ASP A 66 -24.24 -13.57 -18.35
CA ASP A 66 -25.38 -12.82 -18.85
C ASP A 66 -25.14 -11.34 -18.97
N THR A 67 -26.21 -10.69 -19.41
CA THR A 67 -26.26 -9.28 -19.68
C THR A 67 -25.87 -8.36 -18.51
N THR A 68 -25.89 -8.88 -17.29
CA THR A 68 -25.68 -8.08 -16.09
C THR A 68 -24.29 -8.18 -15.44
N VAL A 69 -23.50 -9.16 -15.87
CA VAL A 69 -22.24 -9.48 -15.18
C VAL A 69 -21.32 -8.26 -15.06
N THR A 70 -20.77 -8.09 -13.84
CA THR A 70 -19.86 -6.99 -13.56
C THR A 70 -18.43 -7.48 -13.39
N ILE A 71 -18.27 -8.73 -12.94
CA ILE A 71 -16.94 -9.33 -12.80
C ILE A 71 -16.95 -10.78 -13.24
N VAL A 72 -15.93 -11.16 -14.02
CA VAL A 72 -15.70 -12.56 -14.37
C VAL A 72 -14.45 -13.06 -13.64
N ILE A 73 -14.60 -14.15 -12.90
CA ILE A 73 -13.48 -14.76 -12.21
C ILE A 73 -13.11 -16.06 -12.91
N THR A 74 -11.86 -16.15 -13.35
CA THR A 74 -11.39 -17.29 -14.12
C THR A 74 -10.08 -17.86 -13.60
N ARG A 75 -9.83 -19.12 -13.92
CA ARG A 75 -8.56 -19.78 -13.62
C ARG A 75 -7.57 -19.52 -14.75
N ARG A 76 -8.10 -19.37 -15.96
CA ARG A 76 -7.28 -19.30 -17.15
C ARG A 76 -6.47 -18.01 -17.22
N SER A 77 -5.49 -18.00 -18.11
CA SER A 77 -4.60 -16.85 -18.27
C SER A 77 -5.36 -15.60 -18.69
N VAL A 78 -5.33 -14.58 -17.82
CA VAL A 78 -5.94 -13.30 -18.13
C VAL A 78 -5.09 -12.55 -19.16
N GLU A 79 -3.79 -12.77 -19.11
CA GLU A 79 -2.87 -12.04 -19.97
C GLU A 79 -2.86 -12.59 -21.41
N ASN A 80 -3.31 -13.83 -21.58
CA ASN A 80 -3.36 -14.46 -22.90
C ASN A 80 -4.79 -14.59 -23.43
N ILE A 81 -5.65 -13.64 -23.09
CA ILE A 81 -7.03 -13.67 -23.55
C ILE A 81 -7.10 -13.22 -25.00
N TYR A 82 -6.11 -12.44 -25.43
CA TYR A 82 -6.05 -11.97 -26.81
C TYR A 82 -5.75 -13.12 -27.79
N LEU A 83 -5.43 -14.29 -27.24
CA LEU A 83 -5.14 -15.48 -28.05
C LEU A 83 -6.35 -16.40 -28.18
N LEU A 84 -7.41 -16.12 -27.43
CA LEU A 84 -8.59 -16.97 -27.41
C LEU A 84 -9.48 -16.74 -28.63
N LYS A 85 -10.39 -17.68 -28.87
CA LYS A 85 -11.38 -17.52 -29.93
C LYS A 85 -12.33 -16.37 -29.61
N ASP A 86 -12.90 -15.78 -30.66
CA ASP A 86 -13.83 -14.65 -30.52
C ASP A 86 -15.10 -15.06 -29.79
N THR A 87 -15.38 -16.36 -29.77
CA THR A 87 -16.57 -16.87 -29.11
C THR A 87 -16.33 -17.08 -27.63
N ASP A 88 -15.08 -16.99 -27.20
CA ASP A 88 -14.77 -17.25 -25.80
C ASP A 88 -15.35 -16.18 -24.87
N ILE A 89 -15.90 -16.62 -23.73
CA ILE A 89 -16.51 -15.70 -22.76
C ILE A 89 -15.53 -14.63 -22.31
N LEU A 90 -14.27 -15.02 -22.13
CA LEU A 90 -13.23 -14.10 -21.65
C LEU A 90 -12.90 -13.06 -22.70
N SER A 91 -12.98 -13.45 -23.96
CA SER A 91 -12.71 -12.51 -25.06
CA SER A 91 -12.71 -12.52 -25.06
C SER A 91 -13.81 -11.47 -25.16
N ARG A 92 -15.06 -11.93 -25.05
CA ARG A 92 -16.22 -11.06 -25.15
C ARG A 92 -16.31 -10.11 -23.96
N ALA A 93 -16.02 -10.63 -22.76
CA ALA A 93 -16.02 -9.80 -21.56
C ALA A 93 -14.99 -8.69 -21.68
N LYS A 94 -13.78 -9.06 -22.09
CA LYS A 94 -12.69 -8.11 -22.26
C LYS A 94 -13.00 -6.99 -23.23
N LYS A 95 -13.37 -7.35 -24.45
CA LYS A 95 -13.60 -6.37 -25.50
C LYS A 95 -14.84 -5.53 -25.21
N ASN A 96 -15.59 -5.90 -24.17
CA ASN A 96 -16.68 -5.09 -23.66
C ASN A 96 -16.31 -4.44 -22.32
N TYR A 97 -15.02 -4.48 -22.01
CA TYR A 97 -14.47 -3.79 -20.84
C TYR A 97 -15.12 -4.26 -19.54
N MET A 98 -15.24 -5.58 -19.42
CA MET A 98 -15.71 -6.22 -18.21
C MET A 98 -14.51 -6.50 -17.33
N LYS A 99 -14.71 -6.54 -16.03
CA LYS A 99 -13.62 -6.83 -15.11
C LYS A 99 -13.36 -8.33 -15.08
N VAL A 100 -12.13 -8.71 -15.45
CA VAL A 100 -11.74 -10.12 -15.49
C VAL A 100 -10.58 -10.37 -14.54
N TRP A 101 -10.84 -11.16 -13.50
CA TRP A 101 -9.84 -11.44 -12.47
C TRP A 101 -9.41 -12.90 -12.46
N SER A 102 -8.13 -13.13 -12.18
CA SER A 102 -7.64 -14.46 -11.87
C SER A 102 -8.16 -14.88 -10.50
N TYR A 103 -7.89 -16.12 -10.10
CA TYR A 103 -8.24 -16.57 -8.76
C TYR A 103 -7.38 -15.86 -7.73
N GLU A 104 -6.13 -15.60 -8.10
CA GLU A 104 -5.18 -14.97 -7.18
C GLU A 104 -5.59 -13.54 -6.90
N LYS A 105 -6.08 -12.86 -7.94
CA LYS A 105 -6.52 -11.48 -7.81
C LYS A 105 -7.81 -11.40 -6.99
N ALA A 106 -8.70 -12.36 -7.21
CA ALA A 106 -9.96 -12.42 -6.48
C ALA A 106 -9.73 -12.65 -4.99
N ALA A 107 -8.84 -13.59 -4.68
CA ALA A 107 -8.52 -13.91 -3.29
C ALA A 107 -7.91 -12.70 -2.60
N ARG A 108 -7.05 -11.97 -3.32
CA ARG A 108 -6.42 -10.78 -2.77
C ARG A 108 -7.45 -9.70 -2.48
N PHE A 109 -8.43 -9.58 -3.36
CA PHE A 109 -9.50 -8.61 -3.17
C PHE A 109 -10.33 -8.95 -1.95
N LEU A 110 -10.66 -10.22 -1.79
CA LEU A 110 -11.42 -10.68 -0.63
C LEU A 110 -10.65 -10.38 0.65
N LYS A 111 -9.35 -10.66 0.63
CA LYS A 111 -8.49 -10.38 1.78
C LYS A 111 -8.50 -8.89 2.11
N ASN A 112 -8.49 -8.06 1.07
CA ASN A 112 -8.52 -6.61 1.27
C ASN A 112 -9.84 -6.12 1.86
N LEU A 113 -10.91 -6.89 1.67
CA LEU A 113 -12.20 -6.55 2.28
C LEU A 113 -12.44 -7.39 3.54
N ASP A 114 -11.36 -7.62 4.27
CA ASP A 114 -11.51 -8.34 5.52
C ASP A 114 -12.15 -9.73 5.47
N VAL A 115 -12.04 -10.41 4.34
CA VAL A 115 -12.45 -11.80 4.20
C VAL A 115 -11.13 -12.56 4.13
N ASP A 116 -11.15 -13.88 4.10
CA ASP A 116 -9.92 -14.62 3.84
C ASP A 116 -10.16 -16.09 3.53
N ILE A 130 -6.19 -16.55 26.39
CA ILE A 130 -5.23 -17.60 26.71
C ILE A 130 -4.58 -17.31 28.07
N GLY A 131 -4.61 -16.05 28.48
CA GLY A 131 -4.08 -15.63 29.76
C GLY A 131 -2.68 -15.06 29.70
N GLU A 132 -2.14 -14.91 28.50
CA GLU A 132 -0.78 -14.41 28.33
C GLU A 132 -0.82 -13.11 27.53
N ASN A 133 -0.20 -12.07 28.08
CA ASN A 133 -0.30 -10.71 27.53
C ASN A 133 0.54 -10.49 26.27
N ILE A 134 0.18 -9.46 25.51
CA ILE A 134 0.93 -9.09 24.32
C ILE A 134 2.22 -8.38 24.71
N VAL A 135 3.34 -8.92 24.24
CA VAL A 135 4.65 -8.31 24.46
C VAL A 135 4.91 -7.27 23.37
N CYS A 136 4.70 -7.67 22.12
CA CYS A 136 4.86 -6.73 21.01
C CYS A 136 4.07 -7.19 19.78
N ARG A 137 3.80 -6.23 18.90
CA ARG A 137 3.07 -6.49 17.66
C ARG A 137 4.00 -6.32 16.47
N VAL A 138 4.05 -7.35 15.61
CA VAL A 138 4.93 -7.35 14.46
C VAL A 138 4.13 -7.11 13.18
N ILE A 139 4.41 -5.98 12.52
CA ILE A 139 3.74 -5.65 11.27
C ILE A 139 4.73 -5.71 10.11
N CYS A 140 4.45 -6.58 9.15
CA CYS A 140 5.25 -6.67 7.94
C CYS A 140 4.85 -5.57 6.96
N THR A 141 5.80 -4.69 6.65
CA THR A 141 5.54 -3.54 5.80
C THR A 141 5.90 -3.82 4.35
N THR A 142 6.47 -4.99 4.10
CA THR A 142 6.75 -5.44 2.74
C THR A 142 5.57 -6.26 2.23
N GLY A 143 4.81 -6.85 3.17
CA GLY A 143 3.51 -7.40 2.88
C GLY A 143 3.41 -8.91 2.72
N GLN A 144 4.51 -9.61 2.90
CA GLN A 144 4.51 -11.06 2.70
C GLN A 144 3.81 -11.80 3.85
N ILE A 145 3.68 -11.13 4.99
CA ILE A 145 3.18 -11.78 6.20
C ILE A 145 2.10 -10.93 6.87
N PRO A 146 1.04 -11.57 7.38
CA PRO A 146 0.03 -10.83 8.14
C PRO A 146 0.52 -10.44 9.53
N ILE A 147 -0.16 -9.51 10.18
CA ILE A 147 0.23 -9.03 11.50
C ILE A 147 0.14 -10.14 12.54
N ARG A 148 1.22 -10.30 13.31
CA ARG A 148 1.27 -11.28 14.39
C ARG A 148 1.74 -10.62 15.69
N ASP A 149 1.23 -11.11 16.80
CA ASP A 149 1.62 -10.61 18.12
C ASP A 149 2.52 -11.60 18.84
N LEU A 150 3.57 -11.07 19.49
CA LEU A 150 4.38 -11.86 20.40
C LEU A 150 3.82 -11.71 21.80
N SER A 151 3.60 -12.84 22.47
CA SER A 151 2.96 -12.83 23.78
C SER A 151 3.73 -13.68 24.77
N ALA A 152 3.50 -13.43 26.05
CA ALA A 152 4.14 -14.18 27.13
C ALA A 152 3.28 -14.14 28.39
N ASP A 153 3.27 -15.24 29.12
CA ASP A 153 2.51 -15.33 30.36
C ASP A 153 3.23 -14.57 31.47
N ILE A 154 2.54 -13.58 32.03
CA ILE A 154 3.11 -12.76 33.10
C ILE A 154 3.56 -13.62 34.28
N SER A 155 2.81 -14.70 34.52
CA SER A 155 3.12 -15.61 35.62
C SER A 155 4.44 -16.34 35.39
N GLN A 156 4.59 -16.93 34.20
CA GLN A 156 5.81 -17.66 33.85
C GLN A 156 7.02 -16.73 33.81
N VAL A 157 6.81 -15.50 33.36
CA VAL A 157 7.91 -14.55 33.18
C VAL A 157 8.50 -14.10 34.51
N LEU A 158 7.64 -13.94 35.52
CA LEU A 158 8.09 -13.47 36.82
C LEU A 158 8.73 -14.58 37.65
N LYS A 159 8.41 -15.83 37.32
CA LYS A 159 8.97 -16.98 38.02
C LYS A 159 10.34 -17.34 37.48
N GLU A 160 10.70 -16.78 36.32
CA GLU A 160 12.00 -17.01 35.72
C GLU A 160 13.01 -16.04 36.31
N LYS A 161 14.14 -16.57 36.78
CA LYS A 161 15.19 -15.75 37.40
C LYS A 161 16.28 -15.39 36.41
N ARG A 162 16.37 -16.14 35.31
CA ARG A 162 17.35 -15.86 34.27
C ARG A 162 17.07 -14.49 33.65
N SER A 163 18.11 -13.86 33.11
CA SER A 163 17.99 -12.51 32.57
C SER A 163 17.11 -12.49 31.32
N ILE A 164 17.08 -13.61 30.60
CA ILE A 164 16.22 -13.77 29.43
C ILE A 164 14.99 -14.57 29.81
N LYS A 165 13.83 -13.92 29.74
CA LYS A 165 12.58 -14.52 30.18
C LYS A 165 11.94 -15.39 29.11
N LYS A 166 12.23 -15.09 27.84
CA LYS A 166 11.63 -15.82 26.73
C LYS A 166 12.35 -15.50 25.42
N VAL A 167 12.28 -16.43 24.48
CA VAL A 167 12.94 -16.28 23.19
C VAL A 167 11.97 -16.62 22.05
N TRP A 168 11.88 -15.71 21.09
CA TRP A 168 11.11 -15.93 19.87
C TRP A 168 12.07 -16.02 18.69
N THR A 169 12.02 -17.11 17.93
CA THR A 169 12.91 -17.28 16.79
C THR A 169 12.19 -16.99 15.47
N PHE A 170 12.88 -16.29 14.58
CA PHE A 170 12.38 -15.96 13.26
C PHE A 170 13.22 -16.68 12.22
N GLY A 171 12.57 -17.36 11.28
CA GLY A 171 13.31 -18.10 10.28
C GLY A 171 12.46 -18.73 9.20
N ARG A 172 13.13 -19.32 8.21
CA ARG A 172 12.48 -19.97 7.10
C ARG A 172 11.89 -21.32 7.51
N ASN A 173 12.41 -21.88 8.60
CA ASN A 173 11.88 -23.13 9.16
C ASN A 173 10.48 -22.91 9.71
N PRO A 174 9.46 -23.55 9.11
CA PRO A 174 8.08 -23.30 9.56
C PRO A 174 7.78 -23.70 11.01
N ALA A 175 8.72 -24.36 11.68
CA ALA A 175 8.51 -24.75 13.07
C ALA A 175 8.94 -23.65 14.05
N CYS A 176 9.59 -22.60 13.52
CA CYS A 176 9.98 -21.46 14.35
C CYS A 176 8.75 -20.73 14.86
N ASP A 177 8.97 -19.81 15.81
CA ASP A 177 7.87 -19.06 16.39
C ASP A 177 7.25 -18.09 15.38
N TYR A 178 8.07 -17.65 14.42
CA TYR A 178 7.63 -16.72 13.38
C TYR A 178 8.23 -17.14 12.04
N HIS A 179 7.38 -17.61 11.13
CA HIS A 179 7.85 -18.05 9.82
C HIS A 179 8.08 -16.86 8.91
N LEU A 180 9.32 -16.70 8.45
CA LEU A 180 9.69 -15.59 7.59
C LEU A 180 9.29 -15.84 6.13
N GLY A 181 8.74 -17.02 5.87
CA GLY A 181 8.44 -17.44 4.53
C GLY A 181 9.57 -18.32 3.99
N ASN A 182 9.34 -18.97 2.86
CA ASN A 182 10.35 -19.82 2.26
C ASN A 182 11.16 -19.05 1.22
N ILE A 183 12.29 -18.50 1.67
CA ILE A 183 13.21 -17.78 0.80
C ILE A 183 14.60 -18.32 1.05
N SER A 184 15.16 -18.94 0.00
CA SER A 184 16.41 -19.69 0.10
C SER A 184 17.55 -18.90 0.76
N ARG A 185 17.56 -17.60 0.57
CA ARG A 185 18.63 -16.76 1.11
C ARG A 185 18.47 -16.48 2.60
N LEU A 186 17.32 -16.83 3.16
CA LEU A 186 17.08 -16.67 4.59
C LEU A 186 17.40 -17.97 5.32
N SER A 187 17.83 -17.84 6.58
CA SER A 187 18.22 -19.00 7.36
C SER A 187 17.03 -19.66 8.04
N ASN A 188 17.16 -20.96 8.30
CA ASN A 188 16.13 -21.71 8.99
C ASN A 188 15.85 -21.09 10.36
N LYS A 189 16.90 -20.54 10.96
CA LYS A 189 16.78 -19.71 12.15
C LYS A 189 17.54 -18.42 11.88
N HIS A 190 16.84 -17.37 11.47
CA HIS A 190 17.50 -16.14 11.05
C HIS A 190 17.89 -15.28 12.26
N PHE A 191 16.90 -14.74 12.96
CA PHE A 191 17.17 -13.93 14.14
C PHE A 191 16.19 -14.28 15.25
N GLN A 192 16.47 -13.78 16.44
CA GLN A 192 15.59 -14.00 17.58
C GLN A 192 15.23 -12.69 18.25
N ILE A 193 14.09 -12.70 18.92
CA ILE A 193 13.70 -11.60 19.79
C ILE A 193 13.65 -12.15 21.21
N LEU A 194 14.42 -11.54 22.10
CA LEU A 194 14.54 -11.99 23.48
C LEU A 194 13.77 -11.06 24.40
N LEU A 195 13.11 -11.63 25.40
CA LEU A 195 12.41 -10.81 26.39
C LEU A 195 13.31 -10.50 27.58
N GLY A 196 13.82 -9.27 27.63
CA GLY A 196 14.60 -8.82 28.76
C GLY A 196 13.79 -8.75 30.03
N GLU A 197 14.40 -8.35 31.12
CA GLU A 197 13.81 -8.51 32.44
C GLU A 197 12.62 -7.59 32.73
N ASP A 198 12.69 -6.34 32.29
CA ASP A 198 11.64 -5.35 32.60
C ASP A 198 10.78 -5.03 31.37
N GLY A 199 10.53 -6.04 30.55
CA GLY A 199 9.76 -5.87 29.34
C GLY A 199 10.63 -5.40 28.19
N ASN A 200 11.93 -5.28 28.45
CA ASN A 200 12.89 -4.91 27.41
C ASN A 200 12.94 -6.01 26.35
N LEU A 201 13.16 -5.60 25.10
CA LEU A 201 13.26 -6.55 23.99
C LEU A 201 14.60 -6.37 23.30
N LEU A 202 15.23 -7.50 22.96
CA LEU A 202 16.53 -7.51 22.33
C LEU A 202 16.48 -8.25 21.00
N LEU A 203 17.21 -7.73 20.02
CA LEU A 203 17.35 -8.40 18.73
C LEU A 203 18.67 -9.13 18.68
N ASN A 204 18.62 -10.40 18.28
CA ASN A 204 19.83 -11.22 18.16
C ASN A 204 19.89 -11.91 16.81
N ASP A 205 20.88 -11.52 16.01
CA ASP A 205 21.06 -12.09 14.69
C ASP A 205 21.92 -13.34 14.75
N ILE A 206 21.34 -14.46 14.30
CA ILE A 206 22.06 -15.74 14.24
C ILE A 206 21.99 -16.29 12.82
N SER A 207 21.87 -15.39 11.84
CA SER A 207 21.66 -15.78 10.45
C SER A 207 22.98 -15.90 9.68
N THR A 208 22.88 -16.41 8.46
CA THR A 208 24.05 -16.56 7.63
C THR A 208 24.27 -15.34 6.75
N ASN A 209 23.20 -14.75 6.24
CA ASN A 209 23.31 -13.61 5.34
C ASN A 209 23.07 -12.26 6.02
N GLY A 210 22.75 -12.28 7.31
CA GLY A 210 22.70 -11.07 8.12
C GLY A 210 21.32 -10.53 8.40
N THR A 211 21.26 -9.61 9.36
CA THR A 211 20.03 -8.92 9.73
C THR A 211 20.31 -7.42 9.86
N TRP A 212 19.31 -6.60 9.53
CA TRP A 212 19.41 -5.16 9.63
C TRP A 212 18.44 -4.60 10.65
N LEU A 213 18.83 -3.50 11.30
CA LEU A 213 17.97 -2.80 12.24
C LEU A 213 17.97 -1.32 11.91
N ASN A 214 16.81 -0.81 11.52
CA ASN A 214 16.67 0.57 11.07
C ASN A 214 17.69 0.92 9.98
N GLY A 215 18.00 -0.06 9.13
CA GLY A 215 18.86 0.13 7.98
C GLY A 215 20.34 0.03 8.28
N GLN A 216 20.65 -0.63 9.39
CA GLN A 216 22.04 -0.86 9.78
C GLN A 216 22.26 -2.32 10.14
N LYS A 217 23.25 -2.92 9.51
CA LYS A 217 23.56 -4.33 9.72
C LYS A 217 24.06 -4.55 11.16
N VAL A 218 23.33 -5.37 11.91
CA VAL A 218 23.68 -5.62 13.30
C VAL A 218 24.77 -6.67 13.41
N GLU A 219 25.57 -6.59 14.48
CA GLU A 219 26.61 -7.56 14.74
C GLU A 219 25.96 -8.91 15.04
N LYS A 220 26.50 -9.96 14.44
CA LYS A 220 25.96 -11.30 14.63
C LYS A 220 26.20 -11.80 16.05
N ASN A 221 25.20 -12.50 16.60
CA ASN A 221 25.26 -13.03 17.96
C ASN A 221 25.46 -11.94 19.00
N SER A 222 24.93 -10.75 18.71
CA SER A 222 25.02 -9.62 19.63
C SER A 222 23.63 -9.07 19.95
N ASN A 223 23.29 -9.03 21.23
CA ASN A 223 21.99 -8.54 21.66
C ASN A 223 21.90 -7.01 21.56
N GLN A 224 20.95 -6.54 20.75
CA GLN A 224 20.72 -5.11 20.56
C GLN A 224 19.32 -4.73 21.00
N LEU A 225 19.24 -3.78 21.93
CA LEU A 225 17.98 -3.32 22.46
C LEU A 225 17.05 -2.81 21.36
N LEU A 226 15.78 -3.21 21.44
CA LEU A 226 14.77 -2.80 20.47
C LEU A 226 13.97 -1.62 20.98
N SER A 227 13.57 -0.75 20.06
CA SER A 227 12.81 0.46 20.39
C SER A 227 11.51 0.51 19.61
N GLN A 228 10.61 1.39 20.04
CA GLN A 228 9.31 1.58 19.39
C GLN A 228 9.45 1.91 17.91
N GLY A 229 8.80 1.12 17.07
CA GLY A 229 8.77 1.38 15.64
C GLY A 229 10.04 0.98 14.91
N ASP A 230 10.88 0.22 15.58
CA ASP A 230 12.13 -0.25 14.98
C ASP A 230 11.83 -1.21 13.82
N GLU A 231 12.51 -0.98 12.70
CA GLU A 231 12.35 -1.82 11.53
C GLU A 231 13.45 -2.86 11.45
N ILE A 232 13.04 -4.13 11.42
CA ILE A 232 13.97 -5.24 11.21
C ILE A 232 13.81 -5.71 9.77
N THR A 233 14.92 -5.73 9.03
CA THR A 233 14.90 -6.12 7.63
C THR A 233 15.89 -7.23 7.36
N VAL A 234 15.43 -8.25 6.63
CA VAL A 234 16.28 -9.36 6.20
C VAL A 234 16.24 -9.47 4.68
N GLY A 235 17.13 -10.28 4.13
CA GLY A 235 17.15 -10.53 2.70
C GLY A 235 17.72 -9.37 1.90
N VAL A 236 18.46 -8.50 2.57
CA VAL A 236 19.09 -7.36 1.90
C VAL A 236 20.13 -7.87 0.91
N GLY A 237 20.23 -7.20 -0.23
CA GLY A 237 21.12 -7.61 -1.31
C GLY A 237 20.33 -7.98 -2.55
N VAL A 238 19.18 -8.60 -2.35
CA VAL A 238 18.27 -8.94 -3.45
C VAL A 238 16.93 -8.27 -3.19
N GLU A 239 16.61 -7.28 -4.02
CA GLU A 239 15.49 -6.38 -3.77
C GLU A 239 14.15 -7.10 -3.52
N SER A 240 14.00 -8.30 -4.07
CA SER A 240 12.73 -9.03 -3.96
C SER A 240 12.74 -10.09 -2.86
N ASP A 241 13.88 -10.23 -2.17
CA ASP A 241 13.96 -11.09 -0.99
C ASP A 241 13.82 -10.27 0.29
N ILE A 242 13.77 -8.95 0.13
CA ILE A 242 13.73 -8.04 1.28
C ILE A 242 12.41 -8.17 2.03
N LEU A 243 12.53 -8.32 3.35
CA LEU A 243 11.36 -8.49 4.21
C LEU A 243 11.52 -7.63 5.47
N SER A 244 10.69 -6.60 5.58
CA SER A 244 10.77 -5.65 6.69
C SER A 244 9.70 -5.93 7.74
N LEU A 245 10.12 -5.93 9.00
CA LEU A 245 9.22 -6.13 10.14
C LEU A 245 9.34 -4.96 11.12
N VAL A 246 8.22 -4.29 11.38
CA VAL A 246 8.20 -3.17 12.32
C VAL A 246 7.69 -3.65 13.68
N ILE A 247 8.43 -3.30 14.72
CA ILE A 247 8.11 -3.73 16.08
C ILE A 247 7.44 -2.62 16.87
N PHE A 248 6.23 -2.90 17.35
CA PHE A 248 5.52 -2.01 18.25
C PHE A 248 5.38 -2.67 19.60
N ILE A 249 6.05 -2.11 20.60
CA ILE A 249 6.16 -2.72 21.92
C ILE A 249 5.00 -2.28 22.81
N ASN A 250 4.32 -3.26 23.39
CA ASN A 250 3.18 -3.00 24.27
C ASN A 250 3.65 -2.52 25.64
N ASP A 251 3.33 -1.27 25.97
CA ASP A 251 3.79 -0.65 27.21
C ASP A 251 3.05 -1.17 28.44
N LYS A 252 1.83 -1.65 28.24
CA LYS A 252 1.02 -2.15 29.35
C LYS A 252 1.55 -3.49 29.85
N PHE A 253 2.34 -4.16 29.03
CA PHE A 253 2.94 -5.42 29.45
C PHE A 253 3.86 -5.17 30.65
N LYS A 254 4.58 -4.06 30.58
CA LYS A 254 5.48 -3.65 31.66
C LYS A 254 4.69 -3.35 32.93
N GLN A 255 3.42 -2.97 32.77
CA GLN A 255 2.58 -2.58 33.90
C GLN A 255 1.90 -3.78 34.55
N CYS A 256 1.50 -4.75 33.75
CA CYS A 256 0.93 -5.99 34.29
C CYS A 256 2.04 -6.79 34.95
N LEU A 257 3.29 -6.48 34.59
CA LEU A 257 4.45 -7.12 35.21
C LEU A 257 4.76 -6.44 36.53
N GLU A 258 4.64 -5.11 36.57
CA GLU A 258 4.88 -4.36 37.80
C GLU A 258 3.70 -4.47 38.75
N GLN A 259 2.54 -4.84 38.22
CA GLN A 259 1.35 -5.04 39.03
C GLN A 259 1.42 -6.35 39.80
N ASN A 260 1.94 -7.38 39.15
CA ASN A 260 1.93 -8.73 39.72
C ASN A 260 3.20 -9.10 40.48
N LYS A 261 3.93 -8.11 40.96
CA LYS A 261 5.12 -8.37 41.78
C LYS A 261 4.73 -9.01 43.10
N ASP B 1 11.75 -30.11 3.32
CA ASP B 1 12.00 -28.69 3.71
C ASP B 1 13.12 -28.61 4.74
N GLY B 2 13.43 -27.39 5.18
CA GLY B 2 14.51 -27.18 6.11
C GLY B 2 15.86 -27.28 5.42
N GLU B 3 15.92 -26.77 4.19
CA GLU B 3 17.12 -26.88 3.37
C GLU B 3 18.26 -26.03 3.92
N SER B 4 19.47 -26.26 3.39
CA SER B 4 20.61 -25.42 3.74
C SER B 4 20.47 -24.04 3.12
N ASP B 6 21.09 -20.48 1.34
CA ASP B 6 21.84 -20.01 0.18
C ASP B 6 22.73 -18.84 0.57
N GLU B 7 23.99 -19.16 0.88
CA GLU B 7 24.97 -18.18 1.34
C GLU B 7 25.28 -17.14 0.26
N ASP B 8 25.49 -15.90 0.68
CA ASP B 8 25.95 -14.84 -0.22
C ASP B 8 27.47 -14.81 -0.23
N ASP B 9 28.04 -14.20 -1.26
CA ASP B 9 29.49 -14.11 -1.37
C ASP B 9 30.00 -12.89 -0.61
N HIS C 2 0.85 -2.16 -0.73
CA HIS C 2 0.51 -3.57 -0.91
C HIS C 2 0.24 -4.27 0.43
N MET C 3 -0.21 -3.50 1.41
CA MET C 3 -0.76 -4.05 2.65
C MET C 3 -2.27 -3.96 2.57
N THR C 4 -2.97 -4.73 3.39
CA THR C 4 -4.43 -4.64 3.40
C THR C 4 -4.82 -3.34 4.09
N PRO C 5 -6.02 -2.83 3.80
CA PRO C 5 -6.48 -1.61 4.46
C PRO C 5 -6.43 -1.70 5.97
N LYS C 6 -6.77 -2.87 6.50
CA LYS C 6 -6.76 -3.13 7.93
C LYS C 6 -5.35 -3.05 8.50
N GLU C 7 -4.41 -3.66 7.78
CA GLU C 7 -3.00 -3.66 8.17
C GLU C 7 -2.43 -2.25 8.17
N LEU C 8 -2.66 -1.54 7.08
CA LEU C 8 -2.08 -0.21 6.89
C LEU C 8 -2.63 0.78 7.90
N LEU C 9 -3.89 0.60 8.31
CA LEU C 9 -4.49 1.44 9.33
C LEU C 9 -3.93 1.09 10.71
N GLU C 10 -3.72 -0.20 10.96
CA GLU C 10 -3.14 -0.66 12.21
C GLU C 10 -1.72 -0.10 12.34
N TRP C 11 -0.99 -0.14 11.23
CA TRP C 11 0.34 0.45 11.15
C TRP C 11 0.29 1.95 11.45
N GLN C 12 -0.70 2.63 10.89
CA GLN C 12 -0.84 4.07 11.07
C GLN C 12 -1.16 4.42 12.53
N THR C 13 -2.12 3.71 13.10
CA THR C 13 -2.58 3.96 14.45
C THR C 13 -1.43 3.84 15.44
N ASN C 14 -0.63 2.79 15.28
CA ASN C 14 0.51 2.56 16.14
C ASN C 14 1.55 3.67 16.05
N TRP C 15 1.83 4.13 14.83
CA TRP C 15 2.83 5.18 14.62
C TRP C 15 2.33 6.52 15.15
N LYS C 16 1.02 6.70 15.20
CA LYS C 16 0.45 7.92 15.77
C LYS C 16 0.67 7.94 17.28
N LYS C 17 0.67 6.77 17.90
CA LYS C 17 0.90 6.65 19.34
C LYS C 17 2.37 6.94 19.64
N ILE C 18 3.26 6.35 18.87
CA ILE C 18 4.70 6.52 19.06
C ILE C 18 5.12 7.97 18.89
N MET C 19 4.51 8.64 17.92
CA MET C 19 4.82 10.04 17.66
C MET C 19 4.43 10.90 18.85
N LYS C 20 3.33 10.54 19.50
CA LYS C 20 2.82 11.31 20.63
C LYS C 20 3.59 11.06 21.93
N ARG C 21 4.03 9.82 22.14
CA ARG C 21 4.59 9.42 23.43
C ARG C 21 6.10 9.16 23.43
N ASP C 22 6.63 8.61 22.33
CA ASP C 22 7.98 8.05 22.35
C ASP C 22 8.93 8.62 21.29
N SER C 23 8.59 9.76 20.69
CA SER C 23 9.39 10.29 19.59
C SER C 23 10.18 11.55 19.94
N ARG C 24 11.49 11.47 19.71
CA ARG C 24 12.38 12.62 19.83
C ARG C 24 13.09 12.82 18.50
N ILE C 25 12.75 13.90 17.81
CA ILE C 25 13.25 14.15 16.47
C ILE C 25 14.31 15.24 16.44
N TYR C 26 15.49 14.89 15.93
CA TYR C 26 16.56 15.86 15.73
C TYR C 26 16.73 16.16 14.25
N PHE C 27 16.74 17.45 13.91
CA PHE C 27 16.99 17.87 12.54
C PHE C 27 18.46 18.19 12.33
N ASP C 28 19.06 17.46 11.41
CA ASP C 28 20.46 17.67 11.04
C ASP C 28 20.64 19.09 10.52
N ILE C 29 21.66 19.78 11.00
CA ILE C 29 21.92 21.16 10.59
C ILE C 29 23.03 21.23 9.55
N THR C 30 23.69 20.09 9.31
CA THR C 30 24.79 20.03 8.37
C THR C 30 24.31 19.68 6.96
N ASP C 31 24.89 20.35 5.97
CA ASP C 31 24.63 20.05 4.57
C ASP C 31 25.86 19.44 3.93
N ASP C 32 25.66 18.50 3.02
CA ASP C 32 26.76 17.81 2.35
C ASP C 32 26.93 18.32 0.91
N VAL C 33 26.21 19.39 0.58
CA VAL C 33 26.37 20.07 -0.71
C VAL C 33 26.45 21.57 -0.47
N GLU C 34 27.30 22.25 -1.23
CA GLU C 34 27.34 23.70 -1.17
C GLU C 34 26.26 24.23 -2.09
N MET C 35 25.35 25.04 -1.56
CA MET C 35 24.21 25.51 -2.33
C MET C 35 23.87 26.96 -2.01
N ASN C 36 23.54 27.70 -3.05
CA ASN C 36 23.35 29.14 -2.95
C ASN C 36 22.17 29.55 -2.06
N THR C 37 21.98 30.85 -1.89
CA THR C 37 20.98 31.37 -0.97
C THR C 37 19.57 30.97 -1.40
N TYR C 38 19.35 30.85 -2.70
CA TYR C 38 18.04 30.48 -3.23
C TYR C 38 17.64 29.08 -2.79
N ASN C 39 18.54 28.12 -2.99
CA ASN C 39 18.29 26.75 -2.58
C ASN C 39 18.34 26.56 -1.07
N LYS C 40 19.11 27.40 -0.38
CA LYS C 40 19.20 27.32 1.07
C LYS C 40 17.88 27.73 1.71
N SER C 41 17.32 28.84 1.24
CA SER C 41 16.02 29.30 1.72
C SER C 41 14.95 28.25 1.44
N LYS C 42 15.11 27.57 0.31
CA LYS C 42 14.15 26.57 -0.13
C LYS C 42 14.09 25.39 0.84
N MET C 43 15.25 24.88 1.23
CA MET C 43 15.31 23.71 2.10
C MET C 43 14.94 24.07 3.54
N ASP C 44 15.27 25.28 3.96
CA ASP C 44 14.95 25.72 5.31
C ASP C 44 13.44 25.84 5.49
N LYS C 45 12.75 26.28 4.44
CA LYS C 45 11.30 26.40 4.48
C LYS C 45 10.68 25.01 4.49
N ARG C 46 11.31 24.07 3.80
CA ARG C 46 10.84 22.70 3.78
C ARG C 46 11.11 22.06 5.13
N ARG C 47 12.22 22.45 5.75
CA ARG C 47 12.58 21.96 7.09
C ARG C 47 11.53 22.37 8.11
N ASP C 48 11.08 23.62 8.03
CA ASP C 48 10.10 24.14 8.99
C ASP C 48 8.74 23.50 8.80
N LEU C 49 8.40 23.22 7.55
CA LEU C 49 7.15 22.53 7.23
C LEU C 49 7.17 21.15 7.88
N LEU C 50 8.29 20.47 7.77
CA LEU C 50 8.45 19.15 8.38
C LEU C 50 8.38 19.26 9.90
N LYS C 51 8.99 20.31 10.43
CA LYS C 51 8.99 20.54 11.87
C LYS C 51 7.59 20.75 12.40
N ARG C 52 6.85 21.64 11.75
CA ARG C 52 5.48 21.90 12.15
C ARG C 52 4.67 20.62 12.00
N GLY C 53 4.97 19.85 10.95
CA GLY C 53 4.22 18.63 10.67
C GLY C 53 4.33 17.61 11.79
N PHE C 54 5.55 17.40 12.29
CA PHE C 54 5.78 16.43 13.34
C PHE C 54 5.25 16.92 14.69
N LEU C 55 5.20 18.23 14.87
CA LEU C 55 4.67 18.81 16.11
C LEU C 55 3.15 18.62 16.19
N THR C 56 2.48 18.59 15.04
CA THR C 56 1.04 18.37 15.03
C THR C 56 0.72 16.94 15.44
N LEU C 57 1.70 16.06 15.31
CA LEU C 57 1.55 14.67 15.73
C LEU C 57 1.90 14.50 17.20
N GLY C 58 2.30 15.57 17.84
CA GLY C 58 2.64 15.55 19.26
C GLY C 58 4.05 15.04 19.53
N ALA C 59 4.92 15.13 18.53
CA ALA C 59 6.30 14.70 18.67
C ALA C 59 7.14 15.78 19.34
N GLN C 60 8.22 15.36 20.00
CA GLN C 60 9.17 16.29 20.58
C GLN C 60 10.26 16.60 19.55
N ILE C 61 10.40 17.87 19.20
CA ILE C 61 11.52 18.30 18.38
C ILE C 61 12.63 18.77 19.32
N THR C 62 13.80 18.17 19.18
CA THR C 62 14.93 18.47 20.04
C THR C 62 15.97 19.29 19.27
N GLN C 63 16.62 20.22 19.96
CA GLN C 63 17.56 21.13 19.31
C GLN C 63 18.96 20.54 19.26
N PHE C 64 19.24 19.58 20.14
CA PHE C 64 20.57 18.99 20.26
C PHE C 64 20.53 17.48 20.03
N PHE C 65 21.65 16.91 19.62
CA PHE C 65 21.75 15.48 19.38
C PHE C 65 22.38 14.70 20.54
N ASP C 66 21.85 13.50 20.74
CA ASP C 66 22.36 12.57 21.73
C ASP C 66 21.58 11.26 21.59
N THR C 67 21.82 10.28 22.46
CA THR C 67 21.28 8.94 22.24
C THR C 67 19.83 8.75 22.74
N THR C 68 19.16 9.85 23.11
CA THR C 68 17.72 9.79 23.41
C THR C 68 16.94 10.11 22.15
N VAL C 69 17.63 10.67 21.16
CA VAL C 69 17.02 10.92 19.84
C VAL C 69 16.55 9.59 19.26
N THR C 70 15.33 9.60 18.73
CA THR C 70 14.73 8.39 18.18
C THR C 70 14.73 8.43 16.65
N ILE C 71 14.61 9.64 16.10
CA ILE C 71 14.70 9.83 14.65
C ILE C 71 15.55 11.05 14.32
N VAL C 72 16.41 10.90 13.32
CA VAL C 72 17.19 12.01 12.77
C VAL C 72 16.74 12.31 11.34
N ILE C 73 16.36 13.56 11.09
CA ILE C 73 15.96 13.99 9.76
C ILE C 73 17.05 14.86 9.14
N THR C 74 17.56 14.40 8.00
CA THR C 74 18.71 15.05 7.36
C THR C 74 18.47 15.32 5.87
N ARG C 75 19.23 16.26 5.32
CA ARG C 75 19.18 16.57 3.90
C ARG C 75 20.27 15.80 3.15
N ARG C 76 21.28 15.36 3.90
CA ARG C 76 22.45 14.73 3.30
C ARG C 76 22.15 13.32 2.82
N SER C 77 23.09 12.76 2.05
CA SER C 77 22.94 11.42 1.52
C SER C 77 22.90 10.41 2.67
N VAL C 78 21.77 9.72 2.80
CA VAL C 78 21.59 8.72 3.84
C VAL C 78 22.40 7.47 3.51
N GLU C 79 22.64 7.24 2.23
CA GLU C 79 23.35 6.04 1.78
C GLU C 79 24.87 6.22 1.81
N ASN C 80 25.32 7.46 1.91
CA ASN C 80 26.76 7.76 1.95
C ASN C 80 27.22 8.11 3.37
N ILE C 81 26.52 7.60 4.36
CA ILE C 81 26.82 7.90 5.76
C ILE C 81 28.09 7.16 6.21
N TYR C 82 28.40 6.04 5.57
CA TYR C 82 29.57 5.25 5.93
C TYR C 82 30.86 5.96 5.54
N LEU C 83 30.76 6.96 4.66
CA LEU C 83 31.92 7.75 4.24
C LEU C 83 32.21 8.83 5.26
N LEU C 84 31.19 9.23 6.02
CA LEU C 84 31.35 10.26 7.03
C LEU C 84 32.31 9.80 8.13
N LYS C 85 32.88 10.76 8.83
CA LYS C 85 33.82 10.46 9.91
C LYS C 85 33.09 10.16 11.21
N ASP C 86 33.80 9.50 12.13
CA ASP C 86 33.22 8.96 13.36
C ASP C 86 32.48 9.99 14.19
N THR C 87 32.92 11.24 14.12
CA THR C 87 32.37 12.28 14.98
C THR C 87 31.05 12.83 14.45
N ASP C 88 30.75 12.52 13.19
CA ASP C 88 29.54 13.01 12.56
C ASP C 88 28.30 12.46 13.24
N ILE C 89 27.29 13.31 13.38
CA ILE C 89 26.03 12.94 14.01
C ILE C 89 25.38 11.76 13.30
N LEU C 90 25.32 11.82 11.98
CA LEU C 90 24.69 10.75 11.19
C LEU C 90 25.42 9.43 11.38
N SER C 91 26.75 9.50 11.47
CA SER C 91 27.56 8.30 11.67
C SER C 91 27.28 7.68 13.03
N ARG C 92 27.04 8.53 14.02
CA ARG C 92 26.75 8.07 15.38
C ARG C 92 25.31 7.58 15.50
N ALA C 93 24.40 8.24 14.80
CA ALA C 93 23.01 7.81 14.77
C ALA C 93 22.90 6.39 14.25
N LYS C 94 23.59 6.12 13.14
CA LYS C 94 23.52 4.84 12.47
C LYS C 94 24.07 3.68 13.27
N LYS C 95 25.32 3.80 13.71
CA LYS C 95 25.98 2.71 14.39
C LYS C 95 25.33 2.40 15.73
N ASN C 96 24.40 3.26 16.14
CA ASN C 96 23.57 3.01 17.32
C ASN C 96 22.15 2.61 16.94
N TYR C 97 21.94 2.38 15.64
CA TYR C 97 20.65 1.89 15.13
C TYR C 97 19.54 2.89 15.41
N MET C 98 19.85 4.15 15.14
CA MET C 98 18.89 5.25 15.20
C MET C 98 18.30 5.44 13.82
N LYS C 99 16.99 5.69 13.75
CA LYS C 99 16.35 5.89 12.47
C LYS C 99 16.81 7.21 11.86
N VAL C 100 17.39 7.14 10.66
CA VAL C 100 17.81 8.32 9.93
C VAL C 100 16.96 8.46 8.67
N TRP C 101 16.18 9.53 8.62
CA TRP C 101 15.24 9.76 7.52
C TRP C 101 15.69 10.91 6.63
N SER C 102 15.48 10.76 5.33
CA SER C 102 15.67 11.85 4.40
C SER C 102 14.49 12.81 4.55
N TYR C 103 14.57 13.98 3.90
CA TYR C 103 13.45 14.92 3.92
C TYR C 103 12.25 14.33 3.18
N GLU C 104 12.53 13.62 2.11
CA GLU C 104 11.48 13.03 1.28
C GLU C 104 10.72 11.96 2.05
N LYS C 105 11.47 11.12 2.77
CA LYS C 105 10.90 10.03 3.54
C LYS C 105 10.07 10.56 4.71
N ALA C 106 10.55 11.63 5.33
CA ALA C 106 9.84 12.25 6.44
C ALA C 106 8.52 12.84 5.95
N ALA C 107 8.57 13.51 4.80
CA ALA C 107 7.37 14.08 4.21
C ALA C 107 6.39 12.98 3.83
N ARG C 108 6.92 11.89 3.32
CA ARG C 108 6.09 10.73 2.98
C ARG C 108 5.46 10.14 4.23
N PHE C 109 6.22 10.11 5.32
CA PHE C 109 5.73 9.59 6.58
C PHE C 109 4.61 10.48 7.13
N LEU C 110 4.84 11.79 7.09
CA LEU C 110 3.84 12.75 7.55
C LEU C 110 2.55 12.62 6.76
N LYS C 111 2.70 12.36 5.47
CA LYS C 111 1.54 12.23 4.58
C LYS C 111 0.71 11.00 4.94
N ASN C 112 1.39 9.91 5.32
CA ASN C 112 0.71 8.69 5.70
C ASN C 112 0.00 8.81 7.05
N LEU C 113 0.37 9.83 7.83
CA LEU C 113 -0.29 10.09 9.10
C LEU C 113 -1.20 11.33 8.99
N ASP C 114 -1.72 11.56 7.79
CA ASP C 114 -2.73 12.58 7.53
C ASP C 114 -2.23 14.00 7.80
N VAL C 115 -0.96 14.24 7.47
CA VAL C 115 -0.36 15.57 7.50
C VAL C 115 0.32 15.80 6.16
N ASP C 116 -0.44 16.25 5.16
CA ASP C 116 0.11 16.45 3.83
C ASP C 116 0.55 17.89 3.64
N LEU C 117 1.84 18.07 3.35
CA LEU C 117 2.41 19.40 3.14
C LEU C 117 2.46 19.77 1.66
N ASP C 118 3.08 18.92 0.85
CA ASP C 118 3.27 19.21 -0.57
C ASP C 118 1.97 18.96 -1.33
N HIS C 119 1.04 19.90 -1.19
CA HIS C 119 -0.30 19.79 -1.74
C HIS C 119 -0.40 20.10 -3.21
N GLY C 131 -21.49 23.11 -2.72
CA GLY C 131 -22.55 23.80 -3.44
C GLY C 131 -23.16 22.93 -4.52
N GLU C 132 -22.31 22.21 -5.25
CA GLU C 132 -22.79 21.24 -6.25
C GLU C 132 -22.59 19.83 -5.71
N ASN C 133 -23.23 18.87 -6.36
CA ASN C 133 -23.22 17.48 -5.90
C ASN C 133 -22.09 16.66 -6.49
N ILE C 134 -21.75 15.58 -5.80
CA ILE C 134 -20.71 14.67 -6.25
C ILE C 134 -21.28 13.72 -7.29
N VAL C 135 -20.71 13.74 -8.49
CA VAL C 135 -21.11 12.82 -9.54
C VAL C 135 -20.39 11.49 -9.34
N CYS C 136 -19.07 11.57 -9.17
CA CYS C 136 -18.27 10.38 -8.89
C CYS C 136 -17.03 10.73 -8.09
N ARG C 137 -16.38 9.71 -7.55
CA ARG C 137 -15.16 9.88 -6.77
C ARG C 137 -14.00 9.13 -7.42
N VAL C 138 -12.93 9.86 -7.69
CA VAL C 138 -11.76 9.30 -8.36
C VAL C 138 -10.65 8.98 -7.37
N ILE C 139 -10.36 7.70 -7.21
CA ILE C 139 -9.29 7.25 -6.32
C ILE C 139 -8.13 6.69 -7.13
N CYS C 140 -6.98 7.35 -7.03
CA CYS C 140 -5.77 6.91 -7.71
C CYS C 140 -5.07 5.82 -6.90
N THR C 141 -5.10 4.59 -7.42
CA THR C 141 -4.59 3.45 -6.69
C THR C 141 -3.07 3.29 -6.87
N THR C 142 -2.51 3.99 -7.83
CA THR C 142 -1.07 3.92 -8.09
C THR C 142 -0.30 4.88 -7.18
N GLY C 143 -1.00 5.83 -6.58
CA GLY C 143 -0.45 6.62 -5.49
C GLY C 143 0.06 8.02 -5.80
N GLN C 144 -0.02 8.44 -7.06
CA GLN C 144 0.54 9.74 -7.46
C GLN C 144 -0.38 10.92 -7.14
N ILE C 145 -1.66 10.64 -6.95
CA ILE C 145 -2.67 11.69 -6.82
C ILE C 145 -3.61 11.41 -5.64
N PRO C 146 -3.98 12.47 -4.89
CA PRO C 146 -4.94 12.24 -3.80
C PRO C 146 -6.36 12.10 -4.33
N ILE C 147 -7.28 11.66 -3.48
CA ILE C 147 -8.66 11.45 -3.90
C ILE C 147 -9.31 12.76 -4.31
N ARG C 148 -10.04 12.70 -5.42
CA ARG C 148 -10.75 13.86 -5.93
C ARG C 148 -12.16 13.47 -6.36
N ASP C 149 -13.06 14.46 -6.39
CA ASP C 149 -14.47 14.24 -6.69
C ASP C 149 -14.90 15.13 -7.85
N LEU C 150 -15.50 14.53 -8.86
CA LEU C 150 -16.08 15.29 -9.96
C LEU C 150 -17.46 15.77 -9.53
N SER C 151 -17.71 17.06 -9.73
CA SER C 151 -18.95 17.69 -9.26
C SER C 151 -19.75 18.30 -10.40
N ALA C 152 -21.05 18.50 -10.15
CA ALA C 152 -21.92 19.14 -11.11
C ALA C 152 -23.15 19.70 -10.40
N ASP C 153 -23.55 20.91 -10.78
CA ASP C 153 -24.75 21.53 -10.24
C ASP C 153 -25.99 20.92 -10.89
N ILE C 154 -26.80 20.26 -10.07
CA ILE C 154 -27.98 19.54 -10.57
C ILE C 154 -28.96 20.50 -11.25
N SER C 155 -28.91 21.77 -10.88
CA SER C 155 -29.76 22.78 -11.50
C SER C 155 -29.37 23.01 -12.95
N GLN C 156 -28.08 23.22 -13.19
CA GLN C 156 -27.58 23.48 -14.53
C GLN C 156 -27.71 22.24 -15.42
N VAL C 157 -27.50 21.07 -14.84
CA VAL C 157 -27.58 19.81 -15.58
C VAL C 157 -29.00 19.58 -16.07
N LEU C 158 -29.98 19.86 -15.21
CA LEU C 158 -31.37 19.60 -15.53
C LEU C 158 -31.91 20.59 -16.56
N LYS C 159 -31.28 21.75 -16.65
CA LYS C 159 -31.66 22.74 -17.66
C LYS C 159 -30.90 22.49 -18.97
N GLU C 160 -29.83 21.72 -18.89
CA GLU C 160 -29.05 21.42 -20.08
C GLU C 160 -29.79 20.43 -20.98
N LYS C 161 -30.24 20.92 -22.14
CA LYS C 161 -31.05 20.13 -23.04
C LYS C 161 -30.21 19.15 -23.86
N ARG C 162 -28.95 19.49 -24.07
CA ARG C 162 -28.04 18.66 -24.85
C ARG C 162 -27.91 17.26 -24.28
N SER C 163 -27.54 16.30 -25.13
CA SER C 163 -27.40 14.92 -24.70
C SER C 163 -26.23 14.74 -23.73
N ILE C 164 -25.28 15.68 -23.77
CA ILE C 164 -24.17 15.71 -22.84
C ILE C 164 -24.32 16.90 -21.92
N LYS C 165 -24.43 16.65 -20.62
CA LYS C 165 -24.64 17.71 -19.66
C LYS C 165 -23.33 18.35 -19.21
N LYS C 166 -22.28 17.54 -19.09
CA LYS C 166 -20.99 18.06 -18.65
C LYS C 166 -19.81 17.22 -19.11
N VAL C 167 -18.66 17.86 -19.20
CA VAL C 167 -17.41 17.21 -19.57
C VAL C 167 -16.33 17.53 -18.54
N TRP C 168 -15.65 16.50 -18.05
CA TRP C 168 -14.46 16.66 -17.24
C TRP C 168 -13.27 16.19 -18.07
N THR C 169 -12.23 17.03 -18.14
CA THR C 169 -11.04 16.69 -18.91
C THR C 169 -9.90 16.27 -18.00
N PHE C 170 -9.28 15.15 -18.33
CA PHE C 170 -8.11 14.65 -17.63
C PHE C 170 -6.89 14.82 -18.53
N GLY C 171 -5.83 15.46 -18.02
CA GLY C 171 -4.66 15.73 -18.83
C GLY C 171 -3.43 16.22 -18.09
N ARG C 172 -2.32 16.30 -18.81
CA ARG C 172 -1.08 16.82 -18.26
C ARG C 172 -1.11 18.33 -18.10
N ASN C 173 -2.03 18.96 -18.82
CA ASN C 173 -2.24 20.40 -18.71
C ASN C 173 -2.94 20.74 -17.39
N PRO C 174 -2.27 21.49 -16.50
CA PRO C 174 -2.82 21.80 -15.18
C PRO C 174 -4.14 22.57 -15.21
N ALA C 175 -4.51 23.11 -16.37
CA ALA C 175 -5.77 23.82 -16.50
C ALA C 175 -6.95 22.88 -16.72
N CYS C 176 -6.65 21.61 -16.99
CA CYS C 176 -7.70 20.60 -17.13
C CYS C 176 -8.41 20.40 -15.80
N ASP C 177 -9.61 19.85 -15.85
CA ASP C 177 -10.40 19.61 -14.65
C ASP C 177 -9.67 18.71 -13.66
N TYR C 178 -8.84 17.82 -14.19
CA TYR C 178 -8.14 16.82 -13.39
C TYR C 178 -6.73 16.63 -13.93
N HIS C 179 -5.74 17.05 -13.16
CA HIS C 179 -4.34 16.98 -13.58
C HIS C 179 -3.75 15.61 -13.31
N LEU C 180 -3.31 14.93 -14.36
CA LEU C 180 -2.74 13.59 -14.24
C LEU C 180 -1.27 13.65 -13.83
N GLY C 181 -0.68 14.84 -13.89
CA GLY C 181 0.74 15.02 -13.60
C GLY C 181 1.51 15.40 -14.84
N ASN C 182 2.79 15.71 -14.67
CA ASN C 182 3.62 16.14 -15.78
C ASN C 182 4.49 15.00 -16.29
N ILE C 183 3.83 13.94 -16.73
CA ILE C 183 4.48 12.80 -17.35
C ILE C 183 4.45 13.02 -18.86
N SER C 184 5.63 13.14 -19.47
CA SER C 184 5.73 13.59 -20.86
C SER C 184 5.02 12.67 -21.86
N ARG C 185 4.74 11.44 -21.44
CA ARG C 185 4.06 10.47 -22.32
C ARG C 185 2.54 10.57 -22.24
N LEU C 186 2.03 11.34 -21.28
CA LEU C 186 0.60 11.60 -21.18
C LEU C 186 0.28 12.88 -21.96
N SER C 187 -0.96 12.98 -22.45
CA SER C 187 -1.36 14.10 -23.30
C SER C 187 -1.91 15.26 -22.46
N ASN C 188 -1.69 16.47 -22.95
CA ASN C 188 -2.17 17.69 -22.30
C ASN C 188 -3.68 17.62 -22.05
N LYS C 189 -4.38 17.04 -23.02
CA LYS C 189 -5.79 16.68 -22.87
C LYS C 189 -5.90 15.21 -23.21
N HIS C 190 -5.82 14.36 -22.19
CA HIS C 190 -5.66 12.92 -22.41
C HIS C 190 -6.97 12.17 -22.59
N PHE C 191 -7.88 12.29 -21.61
CA PHE C 191 -9.19 11.66 -21.76
C PHE C 191 -10.26 12.46 -21.04
N GLN C 192 -11.51 12.14 -21.36
CA GLN C 192 -12.65 12.85 -20.80
C GLN C 192 -13.59 11.90 -20.08
N ILE C 193 -14.32 12.44 -19.11
CA ILE C 193 -15.48 11.77 -18.55
C ILE C 193 -16.68 12.66 -18.84
N LEU C 194 -17.64 12.09 -19.55
CA LEU C 194 -18.83 12.83 -19.98
C LEU C 194 -20.04 12.43 -19.14
N LEU C 195 -20.83 13.43 -18.75
CA LEU C 195 -22.08 13.18 -18.04
C LEU C 195 -23.24 13.18 -19.04
N GLY C 196 -23.95 12.07 -19.11
CA GLY C 196 -25.00 11.88 -20.11
C GLY C 196 -26.41 12.19 -19.65
N GLU C 197 -27.36 11.92 -20.54
CA GLU C 197 -28.77 12.26 -20.35
C GLU C 197 -29.38 11.82 -19.02
N ASP C 198 -29.06 10.60 -18.58
CA ASP C 198 -29.73 10.01 -17.42
C ASP C 198 -28.78 9.75 -16.27
N GLY C 199 -27.69 10.50 -16.22
CA GLY C 199 -26.73 10.36 -15.13
C GLY C 199 -25.72 9.25 -15.38
N ASN C 200 -25.59 8.83 -16.63
CA ASN C 200 -24.56 7.87 -17.00
C ASN C 200 -23.25 8.56 -17.27
N LEU C 201 -22.15 7.87 -17.01
CA LEU C 201 -20.81 8.41 -17.26
C LEU C 201 -20.15 7.67 -18.41
N LEU C 202 -19.47 8.44 -19.26
CA LEU C 202 -18.84 7.91 -20.45
C LEU C 202 -17.36 8.27 -20.47
N LEU C 203 -16.53 7.32 -20.85
CA LEU C 203 -15.10 7.56 -21.02
C LEU C 203 -14.80 7.82 -22.49
N ASN C 204 -13.98 8.85 -22.75
CA ASN C 204 -13.60 9.20 -24.11
C ASN C 204 -12.11 9.49 -24.23
N ASP C 205 -11.37 8.49 -24.72
CA ASP C 205 -9.95 8.64 -24.96
C ASP C 205 -9.69 9.59 -26.12
N ILE C 206 -8.87 10.61 -25.88
CA ILE C 206 -8.47 11.55 -26.90
C ILE C 206 -6.95 11.75 -26.87
N SER C 207 -6.25 10.73 -26.36
CA SER C 207 -4.83 10.84 -26.11
C SER C 207 -3.97 10.40 -27.29
N THR C 208 -2.66 10.49 -27.08
CA THR C 208 -1.74 10.06 -28.09
C THR C 208 -1.36 8.62 -27.82
N ASN C 209 -0.94 8.33 -26.59
CA ASN C 209 -0.44 7.01 -26.23
C ASN C 209 -1.50 6.06 -25.68
N GLY C 210 -2.74 6.54 -25.59
CA GLY C 210 -3.87 5.67 -25.32
C GLY C 210 -4.37 5.64 -23.88
N THR C 211 -5.62 5.20 -23.72
CA THR C 211 -6.23 5.03 -22.42
C THR C 211 -6.75 3.60 -22.29
N TRP C 212 -6.70 3.07 -21.07
CA TRP C 212 -7.14 1.70 -20.81
C TRP C 212 -8.31 1.68 -19.83
N LEU C 213 -9.30 0.85 -20.13
CA LEU C 213 -10.46 0.65 -19.26
C LEU C 213 -10.53 -0.81 -18.82
N ASN C 214 -10.36 -1.02 -17.52
CA ASN C 214 -10.32 -2.36 -16.96
C ASN C 214 -9.35 -3.30 -17.69
N GLY C 215 -8.17 -2.79 -18.00
CA GLY C 215 -7.12 -3.58 -18.62
C GLY C 215 -7.30 -3.80 -20.12
N GLN C 216 -8.20 -3.02 -20.72
CA GLN C 216 -8.47 -3.12 -22.15
C GLN C 216 -8.36 -1.72 -22.78
N LYS C 217 -7.57 -1.62 -23.84
CA LYS C 217 -7.36 -0.34 -24.51
C LYS C 217 -8.62 0.09 -25.24
N VAL C 218 -9.07 1.32 -24.99
CA VAL C 218 -10.29 1.82 -25.60
C VAL C 218 -10.00 2.47 -26.94
N GLU C 219 -11.00 2.45 -27.82
CA GLU C 219 -10.87 3.10 -29.11
C GLU C 219 -10.93 4.60 -28.93
N LYS C 220 -10.00 5.31 -29.55
CA LYS C 220 -9.93 6.76 -29.45
C LYS C 220 -11.19 7.40 -30.04
N ASN C 221 -11.61 8.51 -29.45
CA ASN C 221 -12.75 9.29 -29.94
C ASN C 221 -14.06 8.50 -30.02
N SER C 222 -14.25 7.58 -29.08
CA SER C 222 -15.50 6.83 -28.98
C SER C 222 -15.93 6.71 -27.52
N ASN C 223 -17.16 7.10 -27.24
CA ASN C 223 -17.69 7.07 -25.88
C ASN C 223 -17.90 5.64 -25.39
N GLN C 224 -17.41 5.37 -24.17
CA GLN C 224 -17.61 4.07 -23.54
C GLN C 224 -18.23 4.23 -22.16
N LEU C 225 -19.31 3.51 -21.93
CA LEU C 225 -20.03 3.58 -20.67
C LEU C 225 -19.17 3.12 -19.51
N LEU C 226 -19.19 3.89 -18.42
CA LEU C 226 -18.42 3.55 -17.22
C LEU C 226 -19.33 2.88 -16.18
N SER C 227 -18.73 1.98 -15.40
CA SER C 227 -19.44 1.23 -14.37
C SER C 227 -18.76 1.40 -13.02
N GLN C 228 -19.45 0.97 -11.97
CA GLN C 228 -18.91 1.04 -10.60
C GLN C 228 -17.58 0.32 -10.49
N GLY C 229 -16.57 1.02 -9.98
CA GLY C 229 -15.27 0.41 -9.72
C GLY C 229 -14.41 0.18 -10.95
N ASP C 230 -14.81 0.75 -12.09
CA ASP C 230 -13.99 0.67 -13.30
C ASP C 230 -12.64 1.33 -13.07
N GLU C 231 -11.58 0.69 -13.58
CA GLU C 231 -10.24 1.21 -13.45
C GLU C 231 -9.75 1.78 -14.78
N ILE C 232 -9.66 3.11 -14.84
CA ILE C 232 -9.08 3.79 -15.99
C ILE C 232 -7.57 3.90 -15.80
N THR C 233 -6.81 3.40 -16.77
CA THR C 233 -5.35 3.46 -16.69
C THR C 233 -4.75 4.16 -17.90
N VAL C 234 -3.74 4.98 -17.64
CA VAL C 234 -2.98 5.66 -18.68
C VAL C 234 -1.49 5.41 -18.47
N GLY C 235 -0.69 5.72 -19.49
CA GLY C 235 0.75 5.60 -19.38
C GLY C 235 1.25 4.17 -19.51
N VAL C 236 0.36 3.25 -19.88
CA VAL C 236 0.75 1.86 -20.14
C VAL C 236 1.90 1.84 -21.13
N GLY C 237 2.89 0.99 -20.86
CA GLY C 237 4.07 0.87 -21.71
C GLY C 237 5.34 1.21 -20.97
N VAL C 238 5.21 1.98 -19.88
CA VAL C 238 6.34 2.32 -19.03
C VAL C 238 5.88 2.24 -17.58
N GLU C 239 6.37 1.23 -16.87
CA GLU C 239 5.90 0.92 -15.51
C GLU C 239 5.84 2.13 -14.59
N SER C 240 6.78 3.05 -14.74
CA SER C 240 6.86 4.20 -13.86
C SER C 240 5.84 5.28 -14.22
N ASP C 241 5.31 5.21 -15.44
CA ASP C 241 4.33 6.19 -15.89
C ASP C 241 2.90 5.72 -15.68
N ILE C 242 2.73 4.44 -15.34
CA ILE C 242 1.39 3.86 -15.21
C ILE C 242 0.61 4.57 -14.11
N LEU C 243 -0.56 5.06 -14.47
CA LEU C 243 -1.43 5.77 -13.55
C LEU C 243 -2.83 5.18 -13.66
N SER C 244 -3.34 4.66 -12.55
CA SER C 244 -4.64 4.01 -12.51
C SER C 244 -5.64 4.79 -11.68
N LEU C 245 -6.83 5.00 -12.22
CA LEU C 245 -7.90 5.73 -11.55
C LEU C 245 -9.15 4.87 -11.45
N VAL C 246 -9.58 4.58 -10.22
CA VAL C 246 -10.80 3.82 -9.99
C VAL C 246 -11.98 4.78 -9.78
N ILE C 247 -13.07 4.52 -10.50
CA ILE C 247 -14.23 5.40 -10.51
C ILE C 247 -15.36 4.86 -9.66
N PHE C 248 -15.75 5.61 -8.64
CA PHE C 248 -16.89 5.28 -7.81
C PHE C 248 -18.01 6.27 -8.03
N ILE C 249 -19.11 5.80 -8.60
CA ILE C 249 -20.21 6.65 -9.00
C ILE C 249 -21.20 6.87 -7.87
N ASN C 250 -21.56 8.14 -7.64
CA ASN C 250 -22.53 8.49 -6.62
C ASN C 250 -23.94 8.14 -7.10
N ASP C 251 -24.55 7.14 -6.47
CA ASP C 251 -25.91 6.74 -6.82
C ASP C 251 -26.90 7.83 -6.45
N LYS C 252 -26.59 8.56 -5.38
CA LYS C 252 -27.47 9.61 -4.91
C LYS C 252 -27.62 10.74 -5.93
N PHE C 253 -26.67 10.84 -6.87
CA PHE C 253 -26.73 11.91 -7.86
C PHE C 253 -27.79 11.64 -8.91
N LYS C 254 -27.92 10.39 -9.35
CA LYS C 254 -28.98 10.03 -10.29
C LYS C 254 -30.32 10.08 -9.59
N GLN C 255 -30.31 9.89 -8.27
CA GLN C 255 -31.53 9.90 -7.46
C GLN C 255 -32.05 11.32 -7.27
N CYS C 256 -31.16 12.31 -7.38
CA CYS C 256 -31.55 13.71 -7.27
C CYS C 256 -32.00 14.24 -8.63
N LEU C 257 -31.60 13.55 -9.71
CA LEU C 257 -32.08 13.89 -11.04
C LEU C 257 -33.51 13.38 -11.25
N GLU C 258 -34.01 12.62 -10.27
CA GLU C 258 -35.37 12.09 -10.33
C GLU C 258 -36.40 13.19 -10.10
N GLN C 259 -36.13 14.07 -9.14
CA GLN C 259 -37.03 15.17 -8.82
C GLN C 259 -37.41 15.99 -10.04
N ASP D 1 4.88 24.23 -19.18
CA ASP D 1 3.68 23.42 -19.53
C ASP D 1 3.40 23.52 -21.03
N GLY D 2 2.50 22.66 -21.50
CA GLY D 2 2.01 22.72 -22.87
C GLY D 2 2.86 22.00 -23.89
N GLU D 3 3.94 21.37 -23.45
CA GLU D 3 4.83 20.65 -24.35
C GLU D 3 4.06 19.58 -25.12
N SER D 4 4.44 19.37 -26.37
CA SER D 4 3.81 18.33 -27.18
C SER D 4 4.16 16.95 -26.61
N ASP D 6 5.20 13.21 -25.85
CA ASP D 6 6.15 12.20 -26.32
CA ASP D 6 6.14 12.21 -26.32
C ASP D 6 5.42 10.96 -26.81
N GLU D 7 5.40 10.76 -28.13
CA GLU D 7 4.66 9.66 -28.74
C GLU D 7 5.45 8.35 -28.73
N ASP D 8 4.79 7.28 -28.32
CA ASP D 8 5.41 5.97 -28.28
C ASP D 8 5.73 5.46 -29.68
N ASP D 9 6.84 4.73 -29.78
CA ASP D 9 7.36 4.20 -31.05
C ASP D 9 7.95 5.34 -31.88
#